data_3DT0
#
_entry.id   3DT0
#
_cell.length_a   70.02
_cell.length_b   71.38
_cell.length_c   72.29
_cell.angle_alpha   90.00
_cell.angle_beta   100.14
_cell.angle_gamma   90.00
#
_symmetry.space_group_name_H-M   'C 1 2 1'
#
loop_
_entity.id
_entity.type
_entity.pdbx_description
1 polymer 'Thrombin light chain'
2 polymer 'Thrombin heavy chain'
3 polymer 'Hirudin variant-1'
4 non-polymer N-(3-chlorobenzyl)-1-(4-methylpentanoyl)-L-prolinamide
5 non-polymer 'SODIUM ION'
6 water water
#
loop_
_entity_poly.entity_id
_entity_poly.type
_entity_poly.pdbx_seq_one_letter_code
_entity_poly.pdbx_strand_id
1 'polypeptide(L)' TFGSGEADCGLRPLFEKKSLEDKTERELLESYIDGR L
2 'polypeptide(L)'
;IVEGSDAEIGMSPWQVMLFRKSPQELLCGASLISDRWVLTAAHCLLYPPWDKNFTENDLLVRIGKHSRTRYERNIEKISM
LEKIYIHPRYNWRENLDRDIALMKLKKPVAFSDYIHPVCLPDRETAASLLQAGYKGRVTGWGNLKETWTANVGKGQPSVL
QVVNLPIVERPVCKDSTRIRITDNMFCAGYKPDEGKRGDACEGDSGGPFVMKSPFNNRWYQMGIVSWGEGCDRDGKYGFY
THVFRLKKWIQKVIDQFGE
;
H
3 'polypeptide(L)' GDFEEIPEE(TYS)L I
#
# COMPACT_ATOMS: atom_id res chain seq x y z
N ALA A 7 3.20 14.26 -11.99
CA ALA A 7 2.63 15.52 -12.45
C ALA A 7 1.10 15.45 -12.51
N ASP A 8 0.64 14.37 -13.13
CA ASP A 8 -0.76 14.02 -13.32
C ASP A 8 -1.12 12.83 -12.42
N CYS A 9 -0.36 12.73 -11.32
CA CYS A 9 -0.54 11.68 -10.34
C CYS A 9 -1.86 11.81 -9.59
N GLY A 10 -2.35 10.70 -9.04
CA GLY A 10 -3.49 10.72 -8.15
C GLY A 10 -4.82 10.90 -8.86
N LEU A 11 -4.81 11.01 -10.18
CA LEU A 11 -6.04 11.20 -10.93
C LEU A 11 -6.36 9.96 -11.75
N ARG A 12 -7.29 9.16 -11.24
CA ARG A 12 -7.60 7.88 -11.91
C ARG A 12 -8.36 8.09 -13.21
N PRO A 13 -7.88 7.47 -14.28
CA PRO A 13 -8.54 7.55 -15.58
C PRO A 13 -10.04 7.32 -15.54
N LEU A 14 -10.50 6.35 -14.76
CA LEU A 14 -11.89 5.91 -14.82
C LEU A 14 -12.76 6.59 -13.78
N PHE A 15 -12.14 7.53 -13.07
CA PHE A 15 -12.89 8.27 -12.04
C PHE A 15 -12.66 9.77 -12.20
N GLU A 16 -11.67 10.33 -11.51
CA GLU A 16 -11.40 11.76 -11.52
C GLU A 16 -11.37 12.34 -12.94
N LYS A 17 -10.69 11.69 -13.87
CA LYS A 17 -10.60 12.21 -15.23
C LYS A 17 -11.94 12.26 -15.95
N LYS A 18 -12.96 11.59 -15.43
CA LYS A 18 -14.28 11.63 -16.04
C LYS A 18 -15.33 12.26 -15.12
N SER A 19 -14.90 12.74 -13.96
CA SER A 19 -15.78 13.28 -12.95
C SER A 19 -16.76 12.20 -12.46
N LEU A 20 -16.36 10.94 -12.62
CA LEU A 20 -17.06 9.85 -11.93
C LEU A 20 -16.48 9.69 -10.55
N GLU A 21 -17.26 9.27 -9.55
CA GLU A 21 -16.57 9.08 -8.26
C GLU A 21 -16.91 7.68 -7.77
N ASP A 22 -16.03 7.07 -6.95
CA ASP A 22 -16.30 5.68 -6.57
C ASP A 22 -17.34 5.67 -5.46
N LYS A 23 -17.76 4.45 -5.12
CA LYS A 23 -18.90 4.31 -4.20
C LYS A 23 -18.61 4.75 -2.78
N THR A 24 -17.36 4.77 -2.31
CA THR A 24 -17.16 5.19 -0.91
C THR A 24 -16.18 6.33 -0.72
N GLU A 25 -15.73 7.02 -1.78
CA GLU A 25 -14.76 8.09 -1.48
C GLU A 25 -15.36 9.16 -0.58
N ARG A 26 -16.63 9.53 -0.76
CA ARG A 26 -17.24 10.58 0.04
C ARG A 26 -17.10 10.32 1.53
N GLU A 27 -17.05 9.04 1.90
CA GLU A 27 -16.81 8.66 3.29
C GLU A 27 -15.53 9.31 3.80
N LEU A 28 -14.54 9.37 2.90
CA LEU A 28 -13.28 9.97 3.30
C LEU A 28 -13.43 11.48 3.39
N LEU A 29 -13.99 12.05 2.34
CA LEU A 29 -14.26 13.48 2.31
C LEU A 29 -15.04 13.88 3.56
N GLU A 30 -15.99 13.04 3.96
CA GLU A 30 -16.79 13.51 5.09
C GLU A 30 -16.03 13.41 6.39
N SER A 31 -15.05 12.51 6.45
CA SER A 31 -14.26 12.39 7.68
C SER A 31 -13.36 13.59 7.90
N TYR A 32 -13.16 14.42 6.88
CA TYR A 32 -12.16 15.49 7.00
C TYR A 32 -12.74 16.72 7.68
N ILE B 1 -7.08 -7.98 3.60
CA ILE B 1 -8.02 -7.01 4.16
C ILE B 1 -9.19 -7.72 4.85
N VAL B 2 -9.54 -7.21 6.01
CA VAL B 2 -10.61 -7.77 6.83
C VAL B 2 -11.81 -6.83 6.89
N GLU B 3 -13.00 -7.30 6.53
CA GLU B 3 -14.20 -6.47 6.55
C GLU B 3 -14.18 -5.37 5.50
N GLY B 4 -13.64 -5.70 4.33
CA GLY B 4 -13.57 -4.76 3.22
C GLY B 4 -14.54 -5.16 2.14
N SER B 5 -14.34 -4.63 0.93
CA SER B 5 -15.25 -5.10 -0.12
C SER B 5 -14.50 -5.06 -1.44
N ASP B 6 -15.07 -5.70 -2.47
CA ASP B 6 -14.30 -5.75 -3.71
C ASP B 6 -14.06 -4.34 -4.23
N ALA B 7 -12.84 -4.10 -4.69
CA ALA B 7 -12.53 -2.84 -5.35
C ALA B 7 -13.42 -2.71 -6.59
N GLU B 8 -13.69 -1.49 -7.04
CA GLU B 8 -14.27 -1.25 -8.34
C GLU B 8 -13.13 -1.31 -9.36
N ILE B 9 -13.43 -1.69 -10.59
CA ILE B 9 -12.38 -1.60 -11.62
C ILE B 9 -11.84 -0.18 -11.69
N GLY B 10 -10.51 -0.04 -11.70
CA GLY B 10 -9.90 1.26 -11.84
C GLY B 10 -9.90 2.07 -10.56
N MET B 11 -10.47 1.56 -9.47
CA MET B 11 -10.44 2.26 -8.21
C MET B 11 -9.04 2.56 -7.68
N SER B 12 -8.14 1.59 -7.83
CA SER B 12 -6.79 1.70 -7.28
C SER B 12 -5.73 1.39 -8.33
N PRO B 13 -5.66 2.26 -9.34
CA PRO B 13 -4.77 2.02 -10.48
C PRO B 13 -3.30 2.11 -10.12
N TRP B 14 -2.98 2.46 -8.88
CA TRP B 14 -1.60 2.47 -8.42
C TRP B 14 -1.25 1.16 -7.73
N GLN B 15 -2.23 0.27 -7.58
CA GLN B 15 -1.96 -0.92 -6.78
C GLN B 15 -1.03 -1.87 -7.51
N VAL B 16 -0.02 -2.34 -6.80
CA VAL B 16 0.94 -3.26 -7.40
C VAL B 16 0.98 -4.58 -6.64
N MET B 17 1.42 -5.65 -7.31
CA MET B 17 1.54 -6.95 -6.64
C MET B 17 3.00 -7.42 -6.73
N LEU B 18 3.63 -7.62 -5.58
CA LEU B 18 4.94 -8.25 -5.52
C LEU B 18 4.75 -9.77 -5.63
N PHE B 19 5.17 -10.29 -6.78
CA PHE B 19 4.92 -11.68 -7.12
C PHE B 19 6.17 -12.54 -7.09
N ARG B 20 6.01 -13.76 -6.60
CA ARG B 20 7.05 -14.78 -6.59
C ARG B 20 7.13 -15.50 -7.94
N LYS B 21 8.32 -15.59 -8.52
CA LYS B 21 8.41 -16.33 -9.78
C LYS B 21 8.23 -17.83 -9.47
N SER B 22 9.07 -18.30 -8.55
CA SER B 22 9.05 -19.70 -8.15
C SER B 22 9.16 -19.88 -6.65
N PRO B 23 8.12 -20.43 -6.03
CA PRO B 23 6.89 -20.77 -6.76
C PRO B 23 5.94 -19.57 -6.82
N GLN B 24 5.39 -19.35 -8.00
CA GLN B 24 4.51 -18.24 -8.30
C GLN B 24 3.48 -18.00 -7.21
N GLU B 25 3.44 -16.79 -6.64
CA GLU B 25 2.39 -16.48 -5.67
C GLU B 25 2.45 -15.05 -5.16
N LEU B 26 1.33 -14.58 -4.59
CA LEU B 26 1.32 -13.24 -4.00
C LEU B 26 2.33 -13.20 -2.85
N LEU B 27 3.13 -12.13 -2.84
CA LEU B 27 4.22 -11.95 -1.89
C LEU B 27 4.01 -10.74 -0.99
N CYS B 28 3.40 -9.70 -1.56
CA CYS B 28 3.16 -8.43 -0.89
C CYS B 28 2.39 -7.46 -1.77
N GLY B 29 1.92 -6.39 -1.14
CA GLY B 29 1.30 -5.26 -1.82
C GLY B 29 2.39 -4.26 -2.17
N ALA B 30 2.07 -3.23 -2.94
CA ALA B 30 3.06 -2.27 -3.41
C ALA B 30 2.36 -1.15 -4.15
N SER B 31 3.05 -0.09 -4.54
CA SER B 31 2.40 1.04 -5.19
C SER B 31 3.22 1.60 -6.33
N LEU B 32 2.49 2.10 -7.33
CA LEU B 32 3.20 2.74 -8.45
C LEU B 32 3.28 4.23 -8.18
N ILE B 33 4.51 4.75 -8.16
CA ILE B 33 4.65 6.19 -7.87
C ILE B 33 5.31 6.89 -9.04
N SER B 34 5.56 6.13 -10.09
CA SER B 34 6.22 6.57 -11.32
C SER B 34 6.05 5.49 -12.38
N ASP B 35 6.49 5.77 -13.61
CA ASP B 35 6.41 4.68 -14.59
C ASP B 35 7.57 3.71 -14.37
N ARG B 36 8.46 4.04 -13.43
CA ARG B 36 9.63 3.19 -13.21
C ARG B 36 9.84 2.83 -11.74
N TRP B 37 9.11 3.46 -10.82
CA TRP B 37 9.37 3.15 -9.41
C TRP B 37 8.12 2.61 -8.72
N VAL B 38 8.32 1.50 -8.01
CA VAL B 38 7.27 0.93 -7.16
C VAL B 38 7.70 1.06 -5.70
N LEU B 39 6.78 1.53 -4.88
CA LEU B 39 7.07 1.71 -3.45
C LEU B 39 6.53 0.55 -2.64
N THR B 40 7.31 0.09 -1.65
CA THR B 40 6.74 -1.00 -0.83
C THR B 40 7.31 -1.02 0.58
N ALA B 41 6.89 -2.02 1.34
CA ALA B 41 7.36 -2.18 2.72
C ALA B 41 8.65 -2.99 2.76
N ALA B 42 9.67 -2.46 3.41
CA ALA B 42 10.99 -3.09 3.50
C ALA B 42 10.90 -4.56 3.88
N HIS B 43 10.01 -4.89 4.81
CA HIS B 43 9.97 -6.25 5.33
C HIS B 43 9.44 -7.26 4.31
N CYS B 44 8.94 -6.75 3.20
CA CYS B 44 8.41 -7.58 2.12
C CYS B 44 9.54 -8.29 1.37
N LEU B 45 10.69 -7.64 1.39
CA LEU B 45 11.90 -8.09 0.74
C LEU B 45 12.86 -8.71 1.76
N LEU B 46 13.00 -8.04 2.89
CA LEU B 46 14.01 -8.41 3.87
C LEU B 46 13.45 -8.49 5.29
N TYR B 47 13.41 -9.72 5.81
CA TYR B 47 12.99 -9.94 7.18
C TYR B 47 13.67 -11.18 7.76
N PRO B 48 14.92 -11.01 8.19
CA PRO B 48 15.76 -12.11 8.67
C PRO B 48 15.08 -13.04 9.67
N PRO B 49 14.31 -12.58 10.65
CA PRO B 49 13.55 -13.49 11.52
C PRO B 49 12.81 -14.63 10.85
N TRP B 50 12.47 -14.50 9.58
CA TRP B 50 11.74 -15.53 8.86
C TRP B 50 12.51 -15.99 7.63
N ASP B 51 13.80 -15.67 7.62
CA ASP B 51 14.66 -16.07 6.51
C ASP B 51 14.12 -15.51 5.19
N LYS B 52 13.70 -14.25 5.25
CA LYS B 52 13.30 -13.54 4.05
C LYS B 52 14.39 -12.51 3.69
N ASN B 53 14.98 -12.74 2.52
CA ASN B 53 15.93 -11.85 1.86
C ASN B 53 15.83 -12.02 0.36
N PHE B 54 14.91 -11.31 -0.27
CA PHE B 54 14.68 -11.35 -1.71
C PHE B 54 15.58 -10.43 -2.50
N THR B 55 16.04 -10.90 -3.66
CA THR B 55 16.76 -10.02 -4.57
C THR B 55 15.95 -9.84 -5.87
N GLU B 56 16.29 -8.81 -6.62
CA GLU B 56 15.64 -8.37 -7.84
C GLU B 56 15.17 -9.55 -8.69
N ASN B 57 16.17 -10.33 -9.08
CA ASN B 57 16.00 -11.51 -9.92
C ASN B 57 14.89 -12.41 -9.40
N ASP B 58 14.72 -12.46 -8.08
CA ASP B 58 13.73 -13.27 -7.41
C ASP B 58 12.30 -12.82 -7.62
N LEU B 59 12.07 -11.58 -8.05
CA LEU B 59 10.70 -11.09 -8.06
C LEU B 59 10.23 -10.54 -9.41
N LEU B 60 8.91 -10.50 -9.52
CA LEU B 60 8.09 -9.92 -10.57
C LEU B 60 7.11 -8.89 -9.99
N VAL B 61 6.91 -7.81 -10.74
CA VAL B 61 5.96 -6.76 -10.38
C VAL B 61 4.74 -6.79 -11.30
N ARG B 62 3.55 -6.97 -10.74
CA ARG B 62 2.40 -6.99 -11.66
C ARG B 62 1.45 -5.82 -11.42
N ILE B 63 1.35 -4.92 -12.39
CA ILE B 63 0.52 -3.73 -12.29
C ILE B 63 -0.76 -3.83 -13.10
N GLY B 64 -1.80 -3.15 -12.62
CA GLY B 64 -3.11 -3.10 -13.24
C GLY B 64 -3.98 -4.27 -12.89
N LYS B 65 -3.74 -4.91 -11.74
CA LYS B 65 -4.47 -6.14 -11.46
C LYS B 65 -5.74 -5.90 -10.66
N HIS B 66 -6.78 -6.62 -11.05
CA HIS B 66 -8.00 -6.70 -10.28
C HIS B 66 -8.08 -8.08 -9.59
N SER B 67 -7.92 -9.12 -10.39
CA SER B 67 -8.01 -10.50 -9.95
C SER B 67 -6.81 -10.92 -9.13
N ARG B 68 -6.98 -11.72 -8.09
CA ARG B 68 -5.76 -12.12 -7.35
C ARG B 68 -5.00 -13.24 -8.07
N THR B 69 -5.70 -14.26 -8.51
CA THR B 69 -5.10 -15.47 -9.08
C THR B 69 -4.88 -15.43 -10.58
N ARG B 70 -5.89 -14.97 -11.30
CA ARG B 70 -5.89 -14.92 -12.76
C ARG B 70 -4.81 -14.06 -13.38
N TYR B 71 -4.28 -14.51 -14.52
CA TYR B 71 -3.40 -13.60 -15.27
C TYR B 71 -4.27 -12.69 -16.13
N GLU B 72 -4.19 -11.37 -15.98
CA GLU B 72 -5.20 -10.55 -16.65
C GLU B 72 -4.70 -10.01 -17.99
N ARG B 73 -4.90 -10.85 -18.99
CA ARG B 73 -4.50 -10.66 -20.38
C ARG B 73 -5.01 -9.34 -20.93
N ASN B 74 -4.13 -8.59 -21.58
CA ASN B 74 -4.48 -7.32 -22.17
C ASN B 74 -4.78 -6.23 -21.16
N ILE B 75 -4.73 -6.55 -19.87
CA ILE B 75 -5.02 -5.53 -18.87
C ILE B 75 -3.83 -5.30 -17.95
N GLU B 76 -3.38 -6.38 -17.29
CA GLU B 76 -2.29 -6.25 -16.34
C GLU B 76 -0.93 -6.18 -17.03
N LYS B 77 0.04 -5.60 -16.33
CA LYS B 77 1.41 -5.65 -16.81
C LYS B 77 2.32 -6.22 -15.73
N ILE B 78 3.28 -7.06 -16.11
CA ILE B 78 4.23 -7.62 -15.15
C ILE B 78 5.64 -7.13 -15.46
N SER B 79 6.41 -6.74 -14.43
CA SER B 79 7.71 -6.16 -14.74
C SER B 79 8.82 -6.81 -13.92
N MET B 80 10.02 -6.66 -14.47
CA MET B 80 11.25 -7.16 -13.89
C MET B 80 11.90 -6.04 -13.11
N LEU B 81 12.48 -6.37 -11.96
CA LEU B 81 13.10 -5.32 -11.13
C LEU B 81 14.51 -5.03 -11.61
N GLU B 82 14.84 -3.76 -11.74
CA GLU B 82 16.21 -3.40 -12.10
C GLU B 82 17.07 -3.27 -10.84
N LYS B 83 16.46 -2.91 -9.71
CA LYS B 83 17.23 -2.78 -8.47
C LYS B 83 16.33 -2.53 -7.27
N ILE B 84 16.68 -3.14 -6.15
CA ILE B 84 15.95 -2.94 -4.90
C ILE B 84 16.74 -2.05 -3.95
N TYR B 85 16.02 -1.10 -3.37
CA TYR B 85 16.56 -0.10 -2.47
C TYR B 85 15.85 -0.10 -1.12
N ILE B 86 16.53 -0.58 -0.09
CA ILE B 86 15.96 -0.63 1.24
C ILE B 86 16.52 0.46 2.13
N HIS B 87 15.66 1.09 2.95
CA HIS B 87 16.08 2.11 3.88
C HIS B 87 17.24 1.67 4.78
N PRO B 88 18.28 2.49 4.86
CA PRO B 88 19.49 2.15 5.61
C PRO B 88 19.28 2.03 7.12
N ARG B 89 18.21 2.56 7.68
CA ARG B 89 17.92 2.43 9.11
C ARG B 89 16.56 1.78 9.33
N TYR B 90 16.22 0.85 8.46
CA TYR B 90 15.10 -0.07 8.59
C TYR B 90 15.31 -0.96 9.82
N ASN B 91 14.42 -0.86 10.81
CA ASN B 91 14.58 -1.64 12.03
C ASN B 91 13.85 -2.97 12.00
N TRP B 92 14.42 -3.95 11.29
CA TRP B 92 13.74 -5.25 11.27
C TRP B 92 13.92 -5.94 12.62
N ARG B 93 15.01 -5.58 13.30
CA ARG B 93 15.32 -6.20 14.58
C ARG B 93 14.25 -5.94 15.62
N GLU B 94 13.78 -4.71 15.74
CA GLU B 94 12.91 -4.41 16.87
C GLU B 94 11.48 -4.11 16.48
N ASN B 95 11.25 -2.98 15.82
CA ASN B 95 9.86 -2.56 15.68
C ASN B 95 9.45 -2.26 14.25
N LEU B 96 10.26 -2.67 13.28
CA LEU B 96 9.99 -2.39 11.88
C LEU B 96 9.99 -0.88 11.60
N ASP B 97 10.86 -0.15 12.27
CA ASP B 97 11.03 1.28 12.03
C ASP B 97 11.67 1.55 10.66
N ARG B 98 11.13 2.52 9.94
CA ARG B 98 11.48 2.87 8.57
C ARG B 98 11.20 1.71 7.61
N ASP B 99 10.05 1.08 7.78
CA ASP B 99 9.63 -0.08 7.00
C ASP B 99 9.18 0.32 5.59
N ILE B 100 10.18 0.56 4.75
CA ILE B 100 9.98 1.16 3.44
C ILE B 100 11.07 0.75 2.45
N ALA B 101 10.64 0.61 1.20
CA ALA B 101 11.51 0.21 0.12
C ALA B 101 11.00 0.74 -1.23
N LEU B 102 11.97 0.96 -2.10
CA LEU B 102 11.79 1.38 -3.47
C LEU B 102 12.28 0.28 -4.44
N MET B 103 11.53 0.03 -5.49
CA MET B 103 11.89 -0.94 -6.50
C MET B 103 11.87 -0.28 -7.88
N LYS B 104 13.03 -0.07 -8.45
CA LYS B 104 13.19 0.46 -9.80
C LYS B 104 12.84 -0.60 -10.82
N LEU B 105 11.97 -0.30 -11.78
CA LEU B 105 11.59 -1.28 -12.79
C LEU B 105 12.59 -1.28 -13.95
N LYS B 106 12.71 -2.44 -14.61
CA LYS B 106 13.67 -2.52 -15.71
C LYS B 106 13.24 -1.64 -16.88
N LYS B 107 11.95 -1.63 -17.19
CA LYS B 107 11.43 -0.74 -18.23
C LYS B 107 10.19 -0.01 -17.71
N PRO B 108 9.95 1.21 -18.16
CA PRO B 108 8.80 1.97 -17.66
C PRO B 108 7.51 1.24 -18.04
N VAL B 109 6.54 1.24 -17.13
CA VAL B 109 5.32 0.49 -17.50
C VAL B 109 4.41 1.45 -18.24
N ALA B 110 3.55 0.95 -19.14
CA ALA B 110 2.69 1.85 -19.90
C ALA B 110 1.44 2.21 -19.09
N PHE B 111 1.19 3.50 -18.90
CA PHE B 111 0.01 3.94 -18.16
C PHE B 111 -1.26 3.63 -18.96
N SER B 112 -2.34 3.34 -18.24
CA SER B 112 -3.61 3.03 -18.85
C SER B 112 -4.76 3.38 -17.91
N ASP B 113 -5.94 2.88 -18.25
CA ASP B 113 -7.13 3.05 -17.44
C ASP B 113 -7.01 2.26 -16.14
N TYR B 114 -6.10 1.30 -16.15
CA TYR B 114 -5.97 0.35 -15.05
C TYR B 114 -4.64 0.52 -14.30
N ILE B 115 -3.81 1.39 -14.85
CA ILE B 115 -2.46 1.66 -14.42
C ILE B 115 -2.13 3.15 -14.48
N HIS B 116 -1.86 3.74 -13.33
CA HIS B 116 -1.65 5.16 -13.12
C HIS B 116 -1.07 5.41 -11.74
N PRO B 117 -0.06 6.25 -11.62
CA PRO B 117 0.59 6.44 -10.33
C PRO B 117 -0.19 7.35 -9.38
N VAL B 118 0.11 7.21 -8.10
CA VAL B 118 -0.44 7.96 -7.00
C VAL B 118 0.52 9.08 -6.62
N CYS B 119 0.05 10.18 -6.03
CA CYS B 119 1.02 11.17 -5.56
C CYS B 119 1.60 10.77 -4.20
N LEU B 120 2.74 11.35 -3.91
CA LEU B 120 3.37 11.29 -2.60
C LEU B 120 3.18 12.66 -1.94
N PRO B 121 2.80 12.63 -0.67
CA PRO B 121 2.41 13.84 0.03
C PRO B 121 3.53 14.86 0.13
N ASP B 122 3.12 16.11 0.22
CA ASP B 122 4.02 17.20 0.60
C ASP B 122 3.72 17.55 2.05
N ARG B 123 4.63 18.25 2.71
CA ARG B 123 4.51 18.64 4.10
C ARG B 123 3.17 19.25 4.42
N GLU B 124 2.59 20.00 3.48
CA GLU B 124 1.38 20.75 3.83
C GLU B 124 0.18 19.81 3.77
N THR B 125 0.04 19.08 2.67
CA THR B 125 -1.00 18.06 2.58
C THR B 125 -0.94 17.15 3.79
N ALA B 126 0.24 16.58 4.00
CA ALA B 126 0.54 15.75 5.16
C ALA B 126 0.10 16.44 6.44
N ALA B 127 0.52 17.70 6.58
CA ALA B 127 0.14 18.40 7.81
C ALA B 127 -1.37 18.49 7.89
N SER B 128 -1.94 18.71 6.71
CA SER B 128 -3.37 18.95 6.65
C SER B 128 -4.20 17.69 6.82
N LEU B 129 -3.73 16.57 6.29
CA LEU B 129 -4.60 15.40 6.16
C LEU B 129 -4.37 14.30 7.16
N LEU B 130 -3.17 14.22 7.72
CA LEU B 130 -2.88 13.14 8.66
C LEU B 130 -3.44 13.51 10.04
N GLN B 131 -4.74 13.35 10.22
CA GLN B 131 -5.31 13.79 11.49
C GLN B 131 -6.29 12.76 12.04
N ALA B 132 -6.16 12.49 13.33
CA ALA B 132 -7.00 11.60 14.11
C ALA B 132 -8.45 11.72 13.65
N GLY B 133 -9.06 10.61 13.19
CA GLY B 133 -10.40 10.73 12.66
C GLY B 133 -10.43 10.88 11.16
N TYR B 134 -9.42 11.52 10.58
CA TYR B 134 -9.41 11.60 9.11
C TYR B 134 -9.34 10.19 8.53
N LYS B 135 -10.17 9.89 7.53
CA LYS B 135 -10.15 8.53 7.01
C LYS B 135 -9.25 8.38 5.79
N GLY B 136 -8.55 7.24 5.78
CA GLY B 136 -7.71 6.84 4.67
C GLY B 136 -8.28 5.55 4.10
N ARG B 137 -7.66 5.01 3.07
CA ARG B 137 -8.16 3.83 2.38
C ARG B 137 -7.02 2.87 2.10
N VAL B 138 -7.22 1.59 2.46
CA VAL B 138 -6.13 0.70 2.07
C VAL B 138 -6.70 -0.45 1.25
N THR B 139 -5.84 -0.93 0.36
CA THR B 139 -6.17 -1.91 -0.64
C THR B 139 -5.19 -3.07 -0.58
N GLY B 140 -5.64 -4.27 -0.94
CA GLY B 140 -4.75 -5.41 -0.86
C GLY B 140 -5.43 -6.73 -1.20
N TRP B 141 -4.58 -7.72 -1.48
CA TRP B 141 -4.97 -9.06 -1.84
C TRP B 141 -4.78 -10.05 -0.70
N GLY B 142 -4.56 -9.54 0.50
CA GLY B 142 -4.26 -10.36 1.65
C GLY B 142 -5.46 -11.12 2.15
N ASN B 143 -5.27 -11.88 3.23
CA ASN B 143 -6.38 -12.70 3.74
C ASN B 143 -7.53 -11.80 4.17
N LEU B 144 -8.71 -12.40 4.24
CA LEU B 144 -9.96 -11.72 4.55
C LEU B 144 -10.38 -11.94 6.00
N LYS B 145 -9.54 -12.67 6.71
CA LYS B 145 -9.78 -13.02 8.11
C LYS B 145 -8.47 -13.52 8.70
N GLU B 146 -8.31 -13.48 10.02
CA GLU B 146 -7.04 -13.90 10.60
C GLU B 146 -6.77 -15.38 10.36
N GLY B 155 -10.04 -14.94 4.37
CA GLY B 155 -8.73 -15.37 3.92
C GLY B 155 -8.68 -15.73 2.45
N GLN B 156 -7.98 -14.93 1.66
CA GLN B 156 -7.76 -15.17 0.24
C GLN B 156 -8.98 -14.85 -0.61
N PRO B 157 -9.08 -13.61 -1.08
CA PRO B 157 -10.19 -13.21 -1.95
C PRO B 157 -9.86 -13.41 -3.42
N SER B 158 -10.89 -13.34 -4.27
CA SER B 158 -10.69 -13.45 -5.71
C SER B 158 -10.23 -12.14 -6.33
N VAL B 159 -10.75 -11.02 -5.82
CA VAL B 159 -10.38 -9.72 -6.37
C VAL B 159 -9.84 -8.78 -5.30
N LEU B 160 -9.12 -7.76 -5.72
CA LEU B 160 -8.61 -6.69 -4.87
C LEU B 160 -9.69 -6.19 -3.91
N GLN B 161 -9.35 -6.14 -2.62
CA GLN B 161 -10.25 -5.66 -1.57
C GLN B 161 -9.96 -4.21 -1.19
N VAL B 162 -10.98 -3.55 -0.67
CA VAL B 162 -10.85 -2.16 -0.26
C VAL B 162 -11.51 -1.93 1.08
N VAL B 163 -10.88 -1.10 1.92
CA VAL B 163 -11.47 -0.70 3.18
C VAL B 163 -10.97 0.69 3.60
N ASN B 164 -11.90 1.50 4.05
CA ASN B 164 -11.65 2.86 4.53
C ASN B 164 -11.45 2.80 6.04
N LEU B 165 -10.46 3.50 6.56
CA LEU B 165 -10.09 3.36 7.97
C LEU B 165 -9.71 4.70 8.58
N PRO B 166 -10.22 4.99 9.76
CA PRO B 166 -9.89 6.28 10.37
C PRO B 166 -8.51 6.26 11.01
N ILE B 167 -7.74 7.31 10.79
CA ILE B 167 -6.47 7.44 11.51
C ILE B 167 -6.74 7.54 13.00
N VAL B 168 -5.82 7.02 13.81
CA VAL B 168 -6.06 6.96 15.25
C VAL B 168 -5.02 7.76 16.01
N GLU B 169 -5.45 8.41 17.09
CA GLU B 169 -4.63 9.26 17.93
C GLU B 169 -3.39 8.53 18.43
N ARG B 170 -2.23 9.17 18.37
CA ARG B 170 -0.97 8.56 18.80
C ARG B 170 -1.02 7.90 20.18
N PRO B 171 -1.61 8.46 21.22
CA PRO B 171 -1.60 7.79 22.53
C PRO B 171 -2.40 6.50 22.53
N VAL B 172 -3.51 6.51 21.79
CA VAL B 172 -4.27 5.26 21.68
C VAL B 172 -3.37 4.21 21.04
N CYS B 173 -2.77 4.58 19.89
CA CYS B 173 -1.85 3.73 19.15
C CYS B 173 -0.85 3.10 20.11
N LYS B 174 -0.19 3.95 20.90
CA LYS B 174 0.81 3.47 21.84
C LYS B 174 0.21 2.60 22.93
N ASP B 175 -0.93 2.97 23.48
CA ASP B 175 -1.56 2.27 24.58
C ASP B 175 -2.11 0.90 24.18
N SER B 176 -2.19 0.66 22.87
CA SER B 176 -2.76 -0.58 22.38
C SER B 176 -1.73 -1.69 22.24
N THR B 177 -0.45 -1.40 22.43
CA THR B 177 0.58 -2.41 22.13
C THR B 177 1.76 -2.39 23.07
N ARG B 178 2.55 -3.47 23.06
CA ARG B 178 3.75 -3.43 23.89
C ARG B 178 4.93 -2.87 23.10
N ILE B 179 4.79 -2.85 21.79
CA ILE B 179 5.81 -2.42 20.84
C ILE B 179 6.14 -0.95 20.89
N ARG B 180 7.42 -0.62 20.77
CA ARG B 180 7.86 0.76 20.73
C ARG B 180 7.55 1.42 19.38
N ILE B 181 6.56 2.29 19.44
CA ILE B 181 6.04 3.05 18.31
C ILE B 181 6.88 4.27 18.02
N THR B 182 7.04 4.65 16.76
CA THR B 182 7.86 5.81 16.44
C THR B 182 7.11 6.83 15.58
N ASP B 183 7.74 7.99 15.37
CA ASP B 183 7.24 9.08 14.55
C ASP B 183 7.22 8.73 13.07
N ASN B 184 7.94 7.69 12.67
CA ASN B 184 7.83 7.20 11.30
C ASN B 184 6.63 6.27 11.14
N MET B 185 5.77 6.25 12.16
CA MET B 185 4.59 5.41 12.10
C MET B 185 3.34 6.21 12.47
N PHE B 186 2.22 5.65 12.02
CA PHE B 186 0.89 6.08 12.48
C PHE B 186 0.05 4.80 12.47
N CYS B 187 -1.02 4.77 13.25
CA CYS B 187 -1.88 3.58 13.26
C CYS B 187 -3.28 3.95 12.84
N ALA B 188 -4.03 2.95 12.37
CA ALA B 188 -5.35 3.24 11.82
C ALA B 188 -6.31 2.08 12.09
N GLY B 189 -7.59 2.42 12.15
CA GLY B 189 -8.67 1.51 12.47
C GLY B 189 -9.72 2.13 13.38
N TYR B 190 -10.87 1.46 13.45
CA TYR B 190 -11.96 1.86 14.34
C TYR B 190 -11.72 1.40 15.77
N LYS B 191 -12.23 2.13 16.76
CA LYS B 191 -12.11 1.59 18.13
C LYS B 191 -13.15 0.51 18.35
N PRO B 192 -13.05 -0.27 19.42
CA PRO B 192 -14.06 -1.32 19.63
C PRO B 192 -15.46 -0.72 19.81
N ASP B 193 -15.50 0.51 20.29
CA ASP B 193 -16.75 1.22 20.54
C ASP B 193 -17.43 1.78 19.30
N GLU B 194 -16.67 2.02 18.24
CA GLU B 194 -17.18 2.77 17.09
C GLU B 194 -18.06 1.92 16.20
N GLY B 195 -18.15 0.64 16.52
CA GLY B 195 -18.97 -0.30 15.77
C GLY B 195 -18.22 -0.89 14.59
N LYS B 196 -18.15 -0.13 13.49
CA LYS B 196 -17.44 -0.60 12.30
C LYS B 196 -16.03 -1.09 12.65
N ARG B 197 -15.54 -2.04 11.88
CA ARG B 197 -14.20 -2.59 12.00
C ARG B 197 -13.52 -2.74 10.64
N GLY B 198 -12.51 -3.59 10.54
CA GLY B 198 -11.76 -3.75 9.30
C GLY B 198 -10.29 -3.45 9.51
N ASP B 199 -9.42 -3.95 8.64
CA ASP B 199 -7.97 -3.80 8.89
C ASP B 199 -7.20 -4.43 7.74
N ALA B 200 -5.91 -4.16 7.66
CA ALA B 200 -5.08 -4.91 6.72
C ALA B 200 -4.90 -6.30 7.32
N CYS B 201 -4.45 -7.28 6.55
CA CYS B 201 -4.12 -8.58 7.11
C CYS B 201 -2.94 -9.15 6.31
N GLU B 202 -2.50 -10.35 6.69
N GLU B 202 -2.52 -10.35 6.66
CA GLU B 202 -1.40 -11.02 6.02
CA GLU B 202 -1.45 -11.07 5.98
C GLU B 202 -1.54 -10.97 4.49
C GLU B 202 -1.57 -10.97 4.47
N GLY B 203 -0.48 -10.58 3.79
CA GLY B 203 -0.44 -10.45 2.36
C GLY B 203 -0.72 -9.05 1.85
N ASP B 204 -1.19 -8.16 2.73
CA ASP B 204 -1.44 -6.77 2.43
C ASP B 204 -0.21 -5.87 2.62
N SER B 205 0.81 -6.32 3.34
CA SER B 205 2.00 -5.51 3.62
C SER B 205 2.56 -4.91 2.33
N GLY B 206 3.13 -3.71 2.42
CA GLY B 206 3.65 -3.03 1.25
C GLY B 206 2.57 -2.30 0.48
N GLY B 207 1.32 -2.72 0.65
CA GLY B 207 0.20 -2.03 0.03
C GLY B 207 0.09 -0.60 0.52
N PRO B 208 -0.60 0.23 -0.26
CA PRO B 208 -0.70 1.67 -0.01
C PRO B 208 -1.86 2.08 0.90
N PHE B 209 -1.59 3.04 1.79
CA PHE B 209 -2.69 3.68 2.53
C PHE B 209 -2.94 5.02 1.85
N VAL B 210 -4.12 5.22 1.27
CA VAL B 210 -4.31 6.48 0.52
C VAL B 210 -5.38 7.34 1.18
N MET B 211 -5.27 8.63 0.94
CA MET B 211 -6.27 9.64 1.26
C MET B 211 -6.51 10.49 0.02
N LYS B 212 -7.72 11.03 -0.15
CA LYS B 212 -7.94 11.94 -1.27
C LYS B 212 -7.98 13.40 -0.82
N SER B 213 -7.05 14.22 -1.34
CA SER B 213 -7.05 15.62 -0.94
C SER B 213 -8.29 16.37 -1.44
N PRO B 214 -8.96 17.03 -0.51
CA PRO B 214 -10.13 17.86 -0.83
C PRO B 214 -9.68 19.22 -1.35
N PHE B 215 -8.38 19.47 -1.34
CA PHE B 215 -7.76 20.68 -1.85
C PHE B 215 -7.53 20.61 -3.35
N ASN B 216 -7.17 19.46 -3.90
CA ASN B 216 -6.95 19.39 -5.35
C ASN B 216 -7.55 18.10 -5.93
N ASN B 217 -8.17 17.36 -5.03
CA ASN B 217 -8.89 16.15 -5.40
C ASN B 217 -7.98 15.11 -6.02
N ARG B 218 -6.75 15.04 -5.51
CA ARG B 218 -5.86 13.96 -5.93
C ARG B 218 -5.63 12.96 -4.82
N TRP B 219 -5.25 11.74 -5.21
CA TRP B 219 -4.99 10.72 -4.19
C TRP B 219 -3.52 10.74 -3.80
N TYR B 220 -3.28 10.81 -2.51
CA TYR B 220 -1.94 10.81 -1.94
C TYR B 220 -1.70 9.52 -1.17
N GLN B 221 -0.45 9.03 -1.25
CA GLN B 221 -0.16 7.83 -0.48
C GLN B 221 0.48 8.23 0.84
N MET B 222 -0.30 8.25 1.90
CA MET B 222 0.11 8.69 3.22
C MET B 222 0.90 7.60 3.93
N GLY B 223 0.50 6.35 3.75
CA GLY B 223 1.18 5.30 4.51
C GLY B 223 1.44 4.07 3.68
N ILE B 224 2.34 3.23 4.18
CA ILE B 224 2.58 1.90 3.66
C ILE B 224 2.11 0.89 4.71
N VAL B 225 1.45 -0.18 4.29
CA VAL B 225 1.00 -1.23 5.21
C VAL B 225 2.21 -1.95 5.84
N SER B 226 2.35 -1.76 7.13
CA SER B 226 3.52 -2.18 7.88
C SER B 226 3.29 -3.33 8.83
N TRP B 227 2.60 -3.10 9.95
CA TRP B 227 2.39 -4.24 10.84
C TRP B 227 1.14 -4.12 11.70
N GLY B 228 0.69 -5.29 12.15
CA GLY B 228 -0.41 -5.45 13.08
C GLY B 228 -0.20 -6.73 13.90
N GLU B 229 -0.79 -6.76 15.07
CA GLU B 229 -0.83 -7.89 15.99
C GLU B 229 -2.18 -8.56 15.86
N GLY B 230 -2.18 -9.64 15.08
CA GLY B 230 -3.46 -10.22 14.67
C GLY B 230 -4.03 -9.37 13.54
N CYS B 231 -5.20 -9.71 13.05
CA CYS B 231 -5.88 -8.93 12.03
C CYS B 231 -7.21 -8.45 12.58
N ASP B 232 -7.47 -7.15 12.59
CA ASP B 232 -8.80 -6.66 12.96
C ASP B 232 -9.23 -7.13 14.34
N ARG B 233 -8.29 -7.26 15.29
CA ARG B 233 -8.75 -7.55 16.65
C ARG B 233 -9.15 -6.23 17.31
N ASP B 234 -10.13 -6.25 18.21
CA ASP B 234 -10.44 -4.98 18.89
C ASP B 234 -9.32 -4.59 19.84
N GLY B 235 -9.05 -3.28 19.90
CA GLY B 235 -8.04 -2.79 20.82
C GLY B 235 -6.67 -2.76 20.16
N LYS B 236 -6.56 -3.45 19.03
CA LYS B 236 -5.40 -3.51 18.15
C LYS B 236 -5.62 -2.56 16.98
N TYR B 237 -4.57 -2.03 16.34
CA TYR B 237 -4.76 -1.19 15.16
C TYR B 237 -3.73 -1.55 14.09
N GLY B 238 -4.00 -1.14 12.85
CA GLY B 238 -3.04 -1.27 11.76
C GLY B 238 -1.93 -0.26 11.96
N PHE B 239 -0.68 -0.67 11.73
CA PHE B 239 0.40 0.32 11.79
C PHE B 239 0.99 0.52 10.40
N TYR B 240 1.09 1.80 10.03
CA TYR B 240 1.54 2.16 8.68
C TYR B 240 2.79 3.01 8.73
N THR B 241 3.70 2.75 7.80
CA THR B 241 4.88 3.57 7.59
C THR B 241 4.49 4.98 7.17
N HIS B 242 5.04 5.97 7.86
CA HIS B 242 4.76 7.39 7.60
C HIS B 242 5.55 7.88 6.39
N VAL B 243 4.93 7.80 5.22
CA VAL B 243 5.61 8.12 3.97
C VAL B 243 6.20 9.53 3.95
N PHE B 244 5.51 10.54 4.47
CA PHE B 244 6.07 11.89 4.35
C PHE B 244 7.37 12.05 5.13
N ARG B 245 7.48 11.41 6.28
CA ARG B 245 8.67 11.49 7.09
C ARG B 245 9.93 10.96 6.40
N LEU B 246 9.78 9.91 5.62
CA LEU B 246 10.89 9.23 4.95
C LEU B 246 11.01 9.67 3.50
N LYS B 247 10.45 10.84 3.19
CA LYS B 247 10.35 11.29 1.80
C LYS B 247 11.71 11.68 1.22
N LYS B 248 12.54 12.32 2.05
CA LYS B 248 13.86 12.76 1.59
C LYS B 248 14.62 11.58 0.99
N TRP B 249 14.74 10.52 1.78
CA TRP B 249 15.41 9.32 1.32
C TRP B 249 14.81 8.86 0.00
N ILE B 250 13.50 9.04 -0.14
CA ILE B 250 12.81 8.66 -1.37
C ILE B 250 13.22 9.55 -2.52
N GLN B 251 13.21 10.87 -2.26
CA GLN B 251 13.63 11.74 -3.37
C GLN B 251 15.10 11.43 -3.69
N LYS B 252 15.92 11.43 -2.64
CA LYS B 252 17.34 11.14 -2.75
C LYS B 252 17.59 9.90 -3.60
N VAL B 253 16.94 8.78 -3.28
CA VAL B 253 17.10 7.60 -4.11
C VAL B 253 16.66 7.78 -5.55
N ILE B 254 15.58 8.52 -5.79
CA ILE B 254 15.14 8.67 -7.18
C ILE B 254 16.03 9.67 -7.93
N ASP B 255 16.29 10.79 -7.27
CA ASP B 255 17.11 11.87 -7.78
C ASP B 255 18.59 11.51 -7.82
N GLN B 256 18.93 10.34 -8.36
CA GLN B 256 20.33 9.93 -8.42
C GLN B 256 20.45 8.54 -9.02
N PHE B 257 19.51 7.65 -8.66
CA PHE B 257 19.53 6.33 -9.27
C PHE B 257 18.52 6.28 -10.41
N GLY B 258 18.15 7.47 -10.87
CA GLY B 258 17.21 7.64 -11.97
C GLY B 258 16.27 8.82 -11.77
N ASP C 2 -2.23 -21.83 -6.71
CA ASP C 2 -3.58 -21.29 -6.76
C ASP C 2 -3.71 -20.30 -7.92
N PHE C 3 -2.61 -19.60 -8.13
CA PHE C 3 -2.45 -18.62 -9.17
C PHE C 3 -2.40 -19.23 -10.57
N GLU C 4 -3.01 -18.52 -11.50
CA GLU C 4 -2.93 -18.80 -12.93
C GLU C 4 -1.52 -18.44 -13.39
N GLU C 5 -0.90 -19.29 -14.18
CA GLU C 5 0.51 -19.12 -14.53
C GLU C 5 0.75 -17.86 -15.35
N ILE C 6 1.71 -17.04 -14.91
CA ILE C 6 1.99 -15.87 -15.75
C ILE C 6 2.52 -16.38 -17.08
N PRO C 7 2.47 -15.59 -18.13
CA PRO C 7 3.06 -16.04 -19.40
C PRO C 7 4.53 -16.41 -19.17
N GLU C 8 4.91 -17.53 -19.76
CA GLU C 8 6.25 -18.07 -19.67
C GLU C 8 7.28 -16.95 -19.89
N GLU C 9 7.06 -16.20 -20.95
CA GLU C 9 7.97 -15.17 -21.42
C GLU C 9 8.52 -14.31 -20.29
#